data_6Z1O
#
_entry.id   6Z1O
#
_entity_poly.entity_id   1
_entity_poly.type   'polypeptide(L)'
_entity_poly.pdbx_seq_one_letter_code
;AVSVALGQTVRITCQGDSLRSYSASWYQQKPGQAPVLVIFRRFSGSSSGNTASLTITGAQAEDEADYYCNSRDSSANHQV
FGGGTKLTV
;
_entity_poly.pdbx_strand_id   D,E,F,C,B,A
#
# COMPACT_ATOMS: atom_id res chain seq x y z
N ALA A 1 -26.17 -15.66 8.43
CA ALA A 1 -25.01 -14.81 8.78
C ALA A 1 -24.46 -14.15 7.51
N VAL A 2 -23.54 -13.17 7.67
CA VAL A 2 -22.92 -12.44 6.59
C VAL A 2 -21.44 -12.24 6.92
N SER A 3 -20.59 -12.55 5.95
CA SER A 3 -19.15 -12.47 6.16
C SER A 3 -18.52 -11.69 5.02
N VAL A 4 -17.72 -10.69 5.37
CA VAL A 4 -17.00 -9.88 4.40
C VAL A 4 -15.54 -9.84 4.79
N ALA A 5 -14.66 -10.21 3.86
CA ALA A 5 -13.24 -10.27 4.11
C ALA A 5 -12.50 -9.62 2.96
N LEU A 6 -11.72 -8.55 3.24
CA LEU A 6 -10.86 -7.86 2.25
C LEU A 6 -9.43 -8.07 2.75
N GLY A 7 -8.56 -8.75 1.99
CA GLY A 7 -7.19 -9.02 2.37
C GLY A 7 -6.75 -10.38 1.88
N GLN A 8 -5.55 -10.58 1.28
CA GLN A 8 -5.06 -11.82 0.68
C GLN A 8 -4.61 -12.74 1.81
N THR A 9 -4.94 -14.01 1.74
CA THR A 9 -4.51 -15.02 2.73
C THR A 9 -3.18 -15.54 2.19
N VAL A 10 -2.05 -15.26 2.82
CA VAL A 10 -0.73 -15.67 2.30
C VAL A 10 -0.02 -16.58 3.32
N ARG A 11 0.37 -17.81 2.93
CA ARG A 11 1.16 -18.69 3.81
C ARG A 11 2.52 -18.81 3.12
N ILE A 12 3.61 -18.31 3.70
CA ILE A 12 4.92 -18.32 3.01
C ILE A 12 5.98 -19.04 3.87
N THR A 13 6.68 -20.05 3.32
CA THR A 13 7.83 -20.70 3.96
C THR A 13 9.00 -20.19 3.12
N CYS A 14 9.95 -19.46 3.71
CA CYS A 14 11.04 -18.82 2.94
C CYS A 14 12.42 -19.15 3.49
N GLN A 15 13.26 -19.90 2.78
CA GLN A 15 14.67 -20.17 3.18
C GLN A 15 15.52 -19.32 2.23
N GLY A 16 16.38 -18.35 2.71
CA GLY A 16 17.10 -17.35 1.91
C GLY A 16 18.31 -17.91 1.18
N ASP A 17 18.87 -17.16 0.23
CA ASP A 17 20.01 -17.62 -0.59
C ASP A 17 21.16 -18.04 0.34
N SER A 18 21.99 -18.98 -0.12
CA SER A 18 23.11 -19.53 0.67
C SER A 18 24.40 -19.62 -0.16
N LEU A 19 25.53 -20.01 0.43
CA LEU A 19 26.86 -20.21 -0.18
C LEU A 19 27.15 -19.22 -1.33
N ARG A 20 26.97 -17.90 -1.13
CA ARG A 20 27.27 -16.86 -2.15
C ARG A 20 28.74 -16.46 -2.05
N SER A 21 29.48 -16.34 -3.16
CA SER A 21 30.93 -16.00 -3.17
C SER A 21 30.94 -14.81 -4.13
N TYR A 22 30.90 -13.59 -3.59
CA TYR A 22 30.97 -12.29 -4.30
C TYR A 22 32.35 -11.63 -4.11
N SER A 23 33.07 -11.33 -5.19
CA SER A 23 34.35 -10.59 -5.10
C SER A 23 34.22 -9.32 -5.96
N ALA A 24 34.17 -8.11 -5.40
CA ALA A 24 33.99 -6.84 -6.16
C ALA A 24 32.80 -6.91 -7.11
N SER A 25 31.64 -7.36 -6.64
CA SER A 25 30.46 -7.74 -7.47
C SER A 25 29.24 -6.83 -7.40
N TRP A 26 28.62 -6.61 -6.25
CA TRP A 26 27.32 -5.89 -6.24
C TRP A 26 27.50 -4.37 -6.11
N TYR A 27 27.55 -3.63 -7.22
CA TYR A 27 27.72 -2.15 -7.28
C TYR A 27 26.43 -1.48 -7.80
N GLN A 28 25.97 -0.37 -7.20
CA GLN A 28 24.81 0.39 -7.71
C GLN A 28 25.11 1.89 -7.71
N GLN A 29 25.22 2.53 -8.88
CA GLN A 29 25.46 3.97 -8.99
C GLN A 29 24.16 4.52 -9.54
N LYS A 30 23.17 4.81 -8.67
CA LYS A 30 21.80 5.23 -9.10
C LYS A 30 21.43 6.62 -8.52
N PRO A 31 22.06 7.74 -8.96
CA PRO A 31 21.70 9.11 -8.49
C PRO A 31 20.44 9.81 -9.03
N GLY A 32 19.55 10.37 -8.18
CA GLY A 32 18.35 11.11 -8.60
C GLY A 32 17.06 10.32 -8.52
N GLN A 33 16.77 9.59 -7.44
CA GLN A 33 15.45 8.97 -7.34
C GLN A 33 14.63 10.09 -6.74
N ALA A 34 14.44 11.15 -7.52
CA ALA A 34 13.75 12.39 -7.14
C ALA A 34 12.53 12.65 -8.03
N PRO A 35 11.41 11.89 -7.88
CA PRO A 35 10.21 12.18 -8.63
C PRO A 35 9.61 13.56 -8.30
N VAL A 36 8.97 14.19 -9.28
CA VAL A 36 8.32 15.53 -9.14
C VAL A 36 6.81 15.32 -9.15
N LEU A 37 6.06 15.95 -8.25
CA LEU A 37 4.57 15.81 -8.20
C LEU A 37 4.01 17.23 -8.01
N VAL A 38 3.24 17.77 -8.97
CA VAL A 38 2.81 19.16 -8.99
C VAL A 38 1.31 19.26 -9.23
N ILE A 39 0.69 20.18 -8.48
CA ILE A 39 -0.74 20.46 -8.61
C ILE A 39 -0.92 21.94 -8.88
N PHE A 40 -2.11 22.29 -9.36
CA PHE A 40 -2.40 23.66 -9.76
C PHE A 40 -3.91 23.86 -9.78
N ARG A 41 -4.31 25.13 -9.88
CA ARG A 41 -5.70 25.50 -10.10
C ARG A 41 -5.80 26.78 -10.92
N ARG A 42 -25.53 22.24 -6.40
CA ARG A 42 -26.66 21.80 -5.54
C ARG A 42 -26.58 20.27 -5.36
N PHE A 43 -26.21 19.77 -4.17
CA PHE A 43 -26.09 18.34 -3.90
C PHE A 43 -26.97 17.95 -2.72
N SER A 44 -27.81 16.92 -2.84
CA SER A 44 -28.65 16.41 -1.71
C SER A 44 -28.51 14.88 -1.59
N GLY A 45 -27.88 14.34 -0.53
CA GLY A 45 -27.76 12.88 -0.36
C GLY A 45 -26.52 12.40 0.41
N SER A 46 -25.75 11.43 -0.14
CA SER A 46 -24.61 10.79 0.52
C SER A 46 -23.44 10.71 -0.43
N SER A 47 -22.27 11.26 -0.06
CA SER A 47 -21.01 11.22 -0.85
C SER A 47 -19.99 10.43 -0.01
N SER A 48 -19.57 9.23 -0.44
CA SER A 48 -18.66 8.37 0.29
C SER A 48 -17.50 7.92 -0.59
N GLY A 49 -17.07 8.78 -1.51
CA GLY A 49 -16.01 8.42 -2.43
C GLY A 49 -15.14 9.59 -2.79
N ASN A 50 -13.99 9.27 -3.40
CA ASN A 50 -12.95 10.23 -3.85
C ASN A 50 -13.55 11.05 -5.01
N THR A 51 -13.64 12.39 -4.74
CA THR A 51 -14.29 13.40 -5.57
C THR A 51 -13.29 14.15 -6.45
N ALA A 52 -12.13 14.52 -5.95
CA ALA A 52 -10.99 15.11 -6.70
C ALA A 52 -9.71 14.88 -5.90
N SER A 53 -9.51 13.65 -5.48
CA SER A 53 -8.40 13.23 -4.59
C SER A 53 -7.34 12.55 -5.46
N LEU A 54 -6.11 12.47 -4.95
CA LEU A 54 -4.97 11.74 -5.54
C LEU A 54 -4.57 10.81 -4.39
N THR A 55 -4.57 9.48 -4.59
CA THR A 55 -4.21 8.50 -3.54
C THR A 55 -3.05 7.67 -4.11
N ILE A 56 -1.87 7.67 -3.48
CA ILE A 56 -0.70 6.85 -3.93
C ILE A 56 -0.44 5.77 -2.88
N THR A 57 -0.82 4.52 -3.13
CA THR A 57 -0.57 3.39 -2.21
C THR A 57 0.60 2.62 -2.81
N GLY A 58 1.79 2.68 -2.22
CA GLY A 58 2.93 2.01 -2.87
C GLY A 58 4.04 2.98 -3.14
N ALA A 59 4.34 3.36 -4.39
CA ALA A 59 5.37 4.39 -4.63
C ALA A 59 5.23 5.16 -5.93
N GLN A 60 5.97 6.27 -6.05
CA GLN A 60 6.12 6.90 -7.34
C GLN A 60 7.38 6.45 -8.07
N ALA A 61 8.31 5.86 -7.32
CA ALA A 61 9.53 5.31 -7.89
C ALA A 61 10.08 4.29 -6.91
N GLU A 62 10.28 3.05 -7.38
CA GLU A 62 10.65 1.94 -6.50
C GLU A 62 11.98 1.34 -6.95
N ASP A 63 12.96 1.20 -6.05
CA ASP A 63 14.22 0.52 -6.26
C ASP A 63 14.32 -0.59 -5.24
N GLU A 64 13.95 -1.80 -5.63
CA GLU A 64 13.94 -3.01 -4.78
C GLU A 64 15.04 -3.92 -5.33
N ALA A 65 16.01 -4.32 -4.55
CA ALA A 65 17.13 -5.08 -5.12
C ALA A 65 17.12 -6.54 -4.69
N ASP A 66 17.59 -6.91 -3.49
CA ASP A 66 17.49 -8.30 -3.01
C ASP A 66 16.21 -8.39 -2.20
N TYR A 67 15.07 -8.15 -2.85
CA TYR A 67 13.72 -8.07 -2.27
C TYR A 67 13.08 -9.44 -2.24
N TYR A 68 12.96 -10.10 -1.08
CA TYR A 68 12.33 -11.44 -1.03
C TYR A 68 11.30 -11.59 0.09
N CYS A 69 10.39 -12.55 -0.05
CA CYS A 69 9.39 -13.02 0.95
C CYS A 69 8.63 -11.93 1.71
N ASN A 70 7.86 -11.12 1.00
CA ASN A 70 7.05 -10.01 1.58
C ASN A 70 5.59 -10.19 1.15
N SER A 71 4.68 -9.59 1.90
CA SER A 71 3.21 -9.58 1.66
C SER A 71 2.77 -8.11 1.71
N ARG A 72 2.43 -7.49 0.58
CA ARG A 72 2.10 -6.04 0.54
C ARG A 72 0.66 -5.87 0.06
N ASP A 73 -0.20 -5.13 0.79
CA ASP A 73 -1.63 -4.94 0.42
C ASP A 73 -1.82 -3.50 -0.06
N SER A 74 -1.75 -3.23 -1.36
CA SER A 74 -1.81 -1.90 -2.02
C SER A 74 -3.17 -1.65 -2.67
N SER A 75 -4.19 -2.45 -2.34
CA SER A 75 -5.57 -2.39 -2.92
C SER A 75 -6.23 -1.06 -2.57
N ALA A 76 -6.57 -0.21 -3.51
CA ALA A 76 -7.03 1.12 -3.07
C ALA A 76 -8.54 1.22 -2.91
N ASN A 77 -9.33 1.29 -3.96
CA ASN A 77 -10.79 1.63 -3.87
C ASN A 77 -11.78 0.46 -3.93
N HIS A 78 -12.37 0.00 -2.82
CA HIS A 78 -13.25 -1.20 -2.87
C HIS A 78 -14.62 -0.88 -2.22
N GLN A 79 -15.73 -0.94 -2.98
CA GLN A 79 -17.11 -0.77 -2.45
C GLN A 79 -17.74 -2.18 -2.41
N VAL A 80 -18.14 -2.68 -1.23
CA VAL A 80 -18.68 -4.07 -1.10
C VAL A 80 -20.22 -4.07 -1.16
N PHE A 81 -20.89 -3.15 -0.48
CA PHE A 81 -22.36 -3.01 -0.38
C PHE A 81 -22.73 -1.54 -0.63
N GLY A 82 -21.94 -0.80 -1.42
CA GLY A 82 -22.12 0.62 -1.80
C GLY A 82 -23.51 0.94 -2.31
N GLY A 83 -24.00 2.17 -2.09
CA GLY A 83 -25.34 2.59 -2.52
C GLY A 83 -26.40 2.39 -1.45
N GLY A 84 -26.01 1.99 -0.23
CA GLY A 84 -26.93 1.77 0.90
C GLY A 84 -27.35 0.33 0.98
N THR A 85 -28.02 -0.15 2.04
CA THR A 85 -28.54 -1.53 2.13
C THR A 85 -29.64 -1.58 3.18
N LYS A 86 -30.80 -2.17 2.90
CA LYS A 86 -31.80 -2.43 3.95
C LYS A 86 -31.56 -3.90 4.29
N LEU A 87 -30.82 -4.20 5.37
CA LEU A 87 -30.43 -5.60 5.68
C LEU A 87 -31.29 -6.07 6.86
N THR A 88 -31.85 -7.28 6.80
CA THR A 88 -32.78 -7.81 7.83
C THR A 88 -32.40 -9.27 8.13
N VAL A 89 -32.64 -9.76 9.35
CA VAL A 89 -32.40 -11.16 9.78
C VAL A 89 -33.53 -11.59 10.72
N ALA B 1 -26.45 -18.09 4.27
CA ALA B 1 -25.30 -17.22 4.61
C ALA B 1 -24.77 -16.55 3.34
N VAL B 2 -23.87 -15.56 3.49
CA VAL B 2 -23.27 -14.81 2.40
C VAL B 2 -21.80 -14.58 2.73
N SER B 3 -20.94 -14.88 1.76
CA SER B 3 -19.50 -14.78 1.95
C SER B 3 -18.89 -13.99 0.81
N VAL B 4 -18.11 -12.97 1.16
CA VAL B 4 -17.41 -12.14 0.18
C VAL B 4 -15.94 -12.08 0.57
N ALA B 5 -15.08 -12.43 -0.38
CA ALA B 5 -13.65 -12.47 -0.14
C ALA B 5 -12.93 -11.80 -1.29
N LEU B 6 -12.17 -10.72 -1.03
CA LEU B 6 -11.33 -10.00 -2.01
C LEU B 6 -9.89 -10.21 -1.52
N GLY B 7 -9.01 -10.85 -2.30
CA GLY B 7 -7.64 -11.11 -1.94
C GLY B 7 -7.18 -12.46 -2.42
N GLN B 8 -5.99 -12.63 -3.03
CA GLN B 8 -5.47 -13.87 -3.65
C GLN B 8 -5.00 -14.78 -2.53
N THR B 9 -5.31 -16.07 -2.59
CA THR B 9 -4.85 -17.06 -1.61
C THR B 9 -3.52 -17.56 -2.17
N VAL B 10 -2.38 -17.26 -1.54
CA VAL B 10 -1.06 -17.65 -2.07
C VAL B 10 -0.33 -18.55 -1.07
N ARG B 11 0.08 -19.76 -1.45
CA ARG B 11 0.89 -20.64 -0.58
C ARG B 11 2.25 -20.73 -1.28
N ILE B 12 3.32 -20.21 -0.71
CA ILE B 12 4.64 -20.20 -1.41
C ILE B 12 5.72 -20.90 -0.58
N THR B 13 6.43 -21.89 -1.13
CA THR B 13 7.60 -22.53 -0.50
C THR B 13 8.75 -22.00 -1.34
N CYS B 14 9.69 -21.25 -0.76
CA CYS B 14 10.76 -20.60 -1.53
C CYS B 14 12.15 -20.90 -0.99
N GLN B 15 13.01 -21.63 -1.73
CA GLN B 15 14.42 -21.89 -1.34
C GLN B 15 15.25 -21.01 -2.28
N GLY B 16 16.09 -20.03 -1.81
CA GLY B 16 16.80 -19.02 -2.61
C GLY B 16 18.00 -19.55 -3.36
N ASP B 17 18.55 -18.79 -4.30
CA ASP B 17 19.69 -19.22 -5.14
C ASP B 17 20.85 -19.63 -4.22
N SER B 18 21.68 -20.57 -4.69
CA SER B 18 22.83 -21.09 -3.91
C SER B 18 24.10 -21.16 -4.76
N LEU B 19 25.24 -21.52 -4.16
CA LEU B 19 26.58 -21.69 -4.79
C LEU B 19 26.84 -20.70 -5.94
N ARG B 20 26.64 -19.39 -5.74
CA ARG B 20 26.91 -18.34 -6.75
C ARG B 20 28.37 -17.91 -6.66
N SER B 21 29.11 -17.78 -7.78
CA SER B 21 30.55 -17.42 -7.80
C SER B 21 30.53 -16.22 -8.76
N TYR B 22 30.48 -15.01 -8.22
CA TYR B 22 30.53 -13.70 -8.92
C TYR B 22 31.88 -13.02 -8.74
N SER B 23 32.60 -12.70 -9.83
CA SER B 23 33.86 -11.94 -9.76
C SER B 23 33.70 -10.67 -10.59
N ALA B 24 33.63 -9.47 -10.04
CA ALA B 24 33.44 -8.20 -10.79
C ALA B 24 32.23 -8.27 -11.73
N SER B 25 31.08 -8.75 -11.25
CA SER B 25 29.91 -9.15 -12.08
C SER B 25 28.67 -8.26 -12.00
N TRP B 26 28.05 -8.06 -10.83
CA TRP B 26 26.74 -7.36 -10.82
C TRP B 26 26.90 -5.83 -10.68
N TYR B 27 26.92 -5.09 -11.78
CA TYR B 27 27.06 -3.61 -11.85
C TYR B 27 25.77 -2.97 -12.35
N GLN B 28 25.28 -1.87 -11.76
CA GLN B 28 24.10 -1.12 -12.24
C GLN B 28 24.39 0.40 -12.24
N GLN B 29 24.47 1.02 -13.40
CA GLN B 29 24.69 2.48 -13.52
C GLN B 29 23.37 3.00 -14.07
N LYS B 30 22.38 3.27 -13.18
CA LYS B 30 21.00 3.67 -13.59
C LYS B 30 20.61 5.05 -13.01
N PRO B 31 21.22 6.19 -13.45
CA PRO B 31 20.84 7.55 -12.97
C PRO B 31 19.57 8.23 -13.50
N GLY B 32 18.68 8.77 -12.64
CA GLY B 32 17.46 9.49 -13.05
C GLY B 32 16.19 8.68 -12.97
N GLN B 33 15.92 7.94 -11.89
CA GLN B 33 14.60 7.29 -11.78
C GLN B 33 13.77 8.40 -11.15
N ALA B 34 13.56 9.46 -11.94
CA ALA B 34 12.85 10.70 -11.55
C ALA B 34 11.61 10.92 -12.42
N PRO B 35 10.52 10.15 -12.27
CA PRO B 35 9.30 10.42 -13.00
C PRO B 35 8.68 11.78 -12.68
N VAL B 36 8.01 12.41 -13.64
CA VAL B 36 7.35 13.73 -13.48
C VAL B 36 5.85 13.50 -13.49
N LEU B 37 5.09 14.12 -12.58
CA LEU B 37 3.61 13.96 -12.53
C LEU B 37 3.02 15.35 -12.33
N VAL B 38 2.24 15.89 -13.28
CA VAL B 38 1.78 17.26 -13.29
C VAL B 38 0.28 17.35 -13.52
N ILE B 39 -0.35 18.26 -12.77
CA ILE B 39 -1.78 18.51 -12.87
C ILE B 39 -1.99 19.99 -13.14
N PHE B 40 -3.20 20.32 -13.60
CA PHE B 40 -3.52 21.68 -14.00
C PHE B 40 -5.03 21.86 -14.02
N ARG B 41 -5.45 23.12 -14.10
CA ARG B 41 -6.84 23.47 -14.31
C ARG B 41 -6.96 24.75 -15.13
N ARG B 42 -26.59 19.86 -10.45
CA ARG B 42 -27.70 19.38 -9.58
C ARG B 42 -27.59 17.86 -9.41
N PHE B 43 -27.20 17.36 -8.22
CA PHE B 43 -27.07 15.93 -7.97
C PHE B 43 -27.92 15.53 -6.78
N SER B 44 -28.75 14.47 -6.90
CA SER B 44 -29.57 13.96 -5.76
C SER B 44 -29.39 12.43 -5.65
N GLY B 45 -28.75 11.91 -4.59
CA GLY B 45 -28.61 10.44 -4.43
C GLY B 45 -27.35 9.97 -3.67
N SER B 46 -26.57 9.02 -4.22
CA SER B 46 -25.41 8.41 -3.58
C SER B 46 -24.24 8.34 -4.54
N SER B 47 -23.09 8.92 -4.18
CA SER B 47 -21.83 8.89 -4.98
C SER B 47 -20.79 8.12 -4.14
N SER B 48 -20.35 6.94 -4.58
CA SER B 48 -19.42 6.08 -3.86
C SER B 48 -18.27 5.66 -4.76
N GLY B 49 -17.85 6.54 -5.68
CA GLY B 49 -16.80 6.18 -6.61
C GLY B 49 -15.95 7.38 -6.97
N ASN B 50 -14.80 7.08 -7.59
CA ASN B 50 -13.78 8.05 -8.05
C ASN B 50 -14.39 8.87 -9.20
N THR B 51 -14.51 10.20 -8.93
CA THR B 51 -15.19 11.20 -9.73
C THR B 51 -14.20 11.98 -10.63
N ALA B 52 -13.05 12.36 -10.14
CA ALA B 52 -11.93 12.98 -10.91
C ALA B 52 -10.63 12.77 -10.12
N SER B 53 -10.41 11.54 -9.69
CA SER B 53 -9.29 11.12 -8.82
C SER B 53 -8.22 10.47 -9.70
N LEU B 54 -6.99 10.42 -9.19
CA LEU B 54 -5.84 9.71 -9.80
C LEU B 54 -5.42 8.79 -8.66
N THR B 55 -5.40 7.46 -8.85
CA THR B 55 -5.02 6.47 -7.82
C THR B 55 -3.84 5.66 -8.40
N ILE B 56 -2.66 5.69 -7.77
CA ILE B 56 -1.48 4.89 -8.23
C ILE B 56 -1.18 3.81 -7.19
N THR B 57 -1.54 2.56 -7.45
CA THR B 57 -1.27 1.43 -6.53
C THR B 57 -0.09 0.68 -7.13
N GLY B 58 1.11 0.75 -6.55
CA GLY B 58 2.25 0.10 -7.21
C GLY B 58 3.34 1.11 -7.50
N ALA B 59 3.62 1.48 -8.76
CA ALA B 59 4.64 2.54 -9.00
C ALA B 59 4.47 3.30 -10.30
N GLN B 60 5.19 4.43 -10.41
CA GLN B 60 5.31 5.07 -11.70
C GLN B 60 6.57 4.64 -12.44
N ALA B 61 7.52 4.06 -11.71
CA ALA B 61 8.75 3.54 -12.29
C ALA B 61 9.32 2.51 -11.31
N GLU B 62 9.53 1.29 -11.78
CA GLU B 62 9.94 0.18 -10.91
C GLU B 62 11.28 -0.39 -11.38
N ASP B 63 12.26 -0.51 -10.48
CA ASP B 63 13.54 -1.17 -10.71
C ASP B 63 13.67 -2.29 -9.68
N GLU B 64 13.31 -3.51 -10.08
CA GLU B 64 13.33 -4.72 -9.23
C GLU B 64 14.43 -5.61 -9.79
N ALA B 65 15.42 -5.99 -9.02
CA ALA B 65 16.56 -6.72 -9.62
C ALA B 65 16.57 -8.19 -9.18
N ASP B 66 17.05 -8.55 -8.00
CA ASP B 66 16.98 -9.95 -7.51
C ASP B 66 15.71 -10.07 -6.69
N TYR B 67 14.56 -9.84 -7.33
CA TYR B 67 13.22 -9.78 -6.73
C TYR B 67 12.60 -11.17 -6.71
N TYR B 68 12.50 -11.83 -5.54
CA TYR B 68 11.89 -13.17 -5.50
C TYR B 68 10.87 -13.35 -4.36
N CYS B 69 9.98 -14.33 -4.50
CA CYS B 69 8.99 -14.82 -3.50
C CYS B 69 8.23 -13.74 -2.73
N ASN B 70 7.44 -12.94 -3.43
CA ASN B 70 6.61 -11.86 -2.85
C ASN B 70 5.15 -12.06 -3.27
N SER B 71 4.23 -11.47 -2.50
CA SER B 71 2.77 -11.49 -2.73
C SER B 71 2.29 -10.03 -2.66
N ARG B 72 1.94 -9.41 -3.80
CA ARG B 72 1.58 -7.96 -3.83
C ARG B 72 0.13 -7.82 -4.28
N ASP B 73 -0.73 -7.09 -3.55
CA ASP B 73 -2.16 -6.94 -3.92
C ASP B 73 -2.38 -5.49 -4.39
N SER B 74 -2.32 -5.22 -5.69
CA SER B 74 -2.42 -3.89 -6.34
C SER B 74 -3.78 -3.66 -6.98
N SER B 75 -4.79 -4.47 -6.65
CA SER B 75 -6.17 -4.44 -7.21
C SER B 75 -6.86 -3.11 -6.85
N ALA B 76 -7.22 -2.27 -7.78
CA ALA B 76 -7.70 -0.95 -7.34
C ALA B 76 -9.21 -0.87 -7.16
N ASN B 77 -10.01 -0.83 -8.22
CA ASN B 77 -11.47 -0.50 -8.10
C ASN B 77 -12.45 -1.69 -8.17
N HIS B 78 -13.01 -2.18 -7.06
CA HIS B 78 -13.88 -3.38 -7.09
C HIS B 78 -15.25 -3.09 -6.44
N GLN B 79 -16.36 -3.16 -7.19
CA GLN B 79 -17.74 -3.02 -6.65
C GLN B 79 -18.34 -4.44 -6.59
N VAL B 80 -18.72 -4.95 -5.41
CA VAL B 80 -19.24 -6.35 -5.29
C VAL B 80 -20.77 -6.38 -5.33
N PHE B 81 -21.46 -5.47 -4.65
CA PHE B 81 -22.93 -5.35 -4.53
C PHE B 81 -23.33 -3.90 -4.78
N GLY B 82 -22.55 -3.14 -5.58
CA GLY B 82 -22.77 -1.73 -5.95
C GLY B 82 -24.17 -1.43 -6.45
N GLY B 83 -24.68 -0.21 -6.23
CA GLY B 83 -26.03 0.20 -6.64
C GLY B 83 -27.07 -0.02 -5.56
N GLY B 84 -26.67 -0.42 -4.35
CA GLY B 84 -27.58 -0.66 -3.21
C GLY B 84 -27.97 -2.12 -3.13
N THR B 85 -28.61 -2.60 -2.06
CA THR B 85 -29.11 -3.98 -1.98
C THR B 85 -30.21 -4.06 -0.91
N LYS B 86 -31.35 -4.68 -1.19
CA LYS B 86 -32.35 -4.95 -0.12
C LYS B 86 -32.07 -6.42 0.21
N LEU B 87 -31.32 -6.71 1.27
CA LEU B 87 -30.91 -8.11 1.58
C LEU B 87 -31.75 -8.59 2.77
N THR B 88 -32.28 -9.81 2.71
CA THR B 88 -33.19 -10.36 3.75
C THR B 88 -32.80 -11.81 4.03
N VAL B 89 -33.02 -12.30 5.26
CA VAL B 89 -32.74 -13.70 5.69
C VAL B 89 -33.86 -14.16 6.63
N ALA C 1 -26.72 -20.51 0.11
CA ALA C 1 -25.58 -19.64 0.43
C ALA C 1 -25.08 -18.94 -0.83
N VAL C 2 -24.19 -17.94 -0.69
CA VAL C 2 -23.61 -17.18 -1.78
C VAL C 2 -22.14 -16.93 -1.47
N SER C 3 -21.29 -17.21 -2.45
CA SER C 3 -19.85 -17.07 -2.27
C SER C 3 -19.27 -16.28 -3.41
N VAL C 4 -18.50 -15.24 -3.07
CA VAL C 4 -17.82 -14.40 -4.04
C VAL C 4 -16.35 -14.31 -3.68
N ALA C 5 -15.49 -14.65 -4.63
CA ALA C 5 -14.06 -14.66 -4.40
C ALA C 5 -13.36 -13.98 -5.55
N LEU C 6 -12.62 -12.88 -5.29
CA LEU C 6 -11.79 -12.15 -6.28
C LEU C 6 -10.35 -12.32 -5.81
N GLY C 7 -9.47 -12.96 -6.58
CA GLY C 7 -8.09 -13.19 -6.23
C GLY C 7 -7.61 -14.53 -6.74
N GLN C 8 -6.41 -14.69 -7.36
CA GLN C 8 -5.89 -15.91 -7.97
C GLN C 8 -5.38 -16.81 -6.86
N THR C 9 -5.68 -18.10 -6.93
CA THR C 9 -5.19 -19.09 -5.95
C THR C 9 -3.85 -19.58 -6.52
N VAL C 10 -2.72 -19.26 -5.89
CA VAL C 10 -1.39 -19.62 -6.44
C VAL C 10 -0.64 -20.50 -5.45
N ARG C 11 -0.22 -21.72 -5.84
CA ARG C 11 0.61 -22.58 -4.98
C ARG C 11 1.97 -22.64 -5.70
N ILE C 12 3.04 -22.11 -5.13
CA ILE C 12 4.36 -22.08 -5.84
C ILE C 12 5.45 -22.75 -5.01
N THR C 13 6.17 -23.73 -5.58
CA THR C 13 7.37 -24.35 -4.96
C THR C 13 8.50 -23.80 -5.82
N CYS C 14 9.42 -23.05 -5.24
CA CYS C 14 10.47 -22.36 -6.02
C CYS C 14 11.88 -22.64 -5.49
N GLN C 15 12.74 -23.36 -6.22
CA GLN C 15 14.17 -23.59 -5.85
C GLN C 15 14.97 -22.71 -6.80
N GLY C 16 15.79 -21.71 -6.33
CA GLY C 16 16.48 -20.67 -7.13
C GLY C 16 17.68 -21.20 -7.89
N ASP C 17 18.20 -20.41 -8.84
CA ASP C 17 19.35 -20.82 -9.69
C ASP C 17 20.53 -21.22 -8.78
N SER C 18 21.37 -22.13 -9.26
CA SER C 18 22.53 -22.64 -8.49
C SER C 18 23.81 -22.68 -9.34
N LEU C 19 24.96 -23.03 -8.77
CA LEU C 19 26.28 -23.17 -9.41
C LEU C 19 26.52 -22.17 -10.55
N ARG C 20 26.30 -20.87 -10.34
CA ARG C 20 26.54 -19.82 -11.37
C ARG C 20 28.00 -19.36 -11.28
N SER C 21 28.73 -19.21 -12.40
CA SER C 21 30.15 -18.82 -12.44
C SER C 21 30.11 -17.62 -13.38
N TYR C 22 30.04 -16.41 -12.84
CA TYR C 22 30.06 -15.10 -13.53
C TYR C 22 31.40 -14.39 -13.37
N SER C 23 32.11 -14.07 -14.47
CA SER C 23 33.36 -13.28 -14.40
C SER C 23 33.17 -12.01 -15.24
N ALA C 24 33.08 -10.82 -14.68
CA ALA C 24 32.86 -9.55 -15.42
C ALA C 24 31.65 -9.64 -16.36
N SER C 25 30.51 -10.13 -15.87
CA SER C 25 29.34 -10.56 -16.68
C SER C 25 28.09 -9.69 -16.59
N TRP C 26 27.48 -9.50 -15.43
CA TRP C 26 26.15 -8.83 -15.39
C TRP C 26 26.29 -7.30 -15.25
N TYR C 27 26.28 -6.55 -16.36
CA TYR C 27 26.40 -5.07 -16.41
C TYR C 27 25.09 -4.44 -16.91
N GLN C 28 24.59 -3.36 -16.29
CA GLN C 28 23.39 -2.62 -16.78
C GLN C 28 23.65 -1.11 -16.78
N GLN C 29 23.72 -0.48 -17.94
CA GLN C 29 23.91 0.98 -18.05
C GLN C 29 22.57 1.49 -18.58
N LYS C 30 21.60 1.73 -17.69
CA LYS C 30 20.20 2.12 -18.08
C LYS C 30 19.79 3.48 -17.50
N PRO C 31 20.37 4.64 -17.94
CA PRO C 31 19.97 5.98 -17.46
C PRO C 31 18.69 6.65 -17.98
N GLY C 32 17.79 7.17 -17.11
CA GLY C 32 16.56 7.86 -17.50
C GLY C 32 15.30 7.04 -17.40
N GLN C 33 15.06 6.28 -16.32
CA GLN C 33 13.75 5.62 -16.21
C GLN C 33 12.90 6.71 -15.58
N ALA C 34 12.67 7.76 -16.36
CA ALA C 34 11.94 8.99 -15.95
C ALA C 34 10.70 9.20 -16.81
N PRO C 35 9.61 8.40 -16.66
CA PRO C 35 8.39 8.65 -17.39
C PRO C 35 7.75 10.00 -17.04
N VAL C 36 7.06 10.62 -18.01
CA VAL C 36 6.38 11.94 -17.85
C VAL C 36 4.87 11.67 -17.83
N LEU C 37 4.11 12.28 -16.91
CA LEU C 37 2.65 12.09 -16.85
C LEU C 37 2.03 13.48 -16.64
N VAL C 38 1.23 14.00 -17.59
CA VAL C 38 0.74 15.37 -17.58
C VAL C 38 -0.75 15.43 -17.80
N ILE C 39 -1.40 16.32 -17.04
CA ILE C 39 -2.83 16.55 -17.14
C ILE C 39 -3.07 18.03 -17.39
N PHE C 40 -4.28 18.34 -17.86
CA PHE C 40 -4.63 19.70 -18.25
C PHE C 40 -6.14 19.85 -18.24
N ARG C 41 -6.58 21.10 -18.33
CA ARG C 41 -7.99 21.43 -18.52
C ARG C 41 -8.14 22.70 -19.33
N ARG C 42 -27.63 17.45 -14.51
CA ARG C 42 -28.74 16.96 -13.63
C ARG C 42 -28.60 15.44 -13.47
N PHE C 43 -28.19 14.94 -12.29
CA PHE C 43 -28.03 13.52 -12.03
C PHE C 43 -28.86 13.09 -10.84
N SER C 44 -29.68 12.03 -10.95
CA SER C 44 -30.48 11.50 -9.81
C SER C 44 -30.27 9.98 -9.71
N GLY C 45 -29.61 9.45 -8.65
CA GLY C 45 -29.44 7.99 -8.49
C GLY C 45 -28.17 7.56 -7.75
N SER C 46 -27.37 6.62 -8.31
CA SER C 46 -26.21 6.01 -7.67
C SER C 46 -25.05 5.96 -8.65
N SER C 47 -23.89 6.56 -8.30
CA SER C 47 -22.65 6.57 -9.10
C SER C 47 -21.59 5.81 -8.29
N SER C 48 -21.13 4.64 -8.73
CA SER C 48 -20.17 3.79 -8.03
C SER C 48 -19.02 3.40 -8.92
N GLY C 49 -18.63 4.27 -9.85
CA GLY C 49 -17.58 3.94 -10.78
C GLY C 49 -16.76 5.15 -11.15
N ASN C 50 -15.60 4.89 -11.77
CA ASN C 50 -14.61 5.88 -12.24
C ASN C 50 -15.25 6.68 -13.39
N THR C 51 -15.38 8.01 -13.11
CA THR C 51 -16.09 9.00 -13.91
C THR C 51 -15.13 9.80 -14.82
N ALA C 52 -13.97 10.20 -14.33
CA ALA C 52 -12.87 10.84 -15.10
C ALA C 52 -11.56 10.66 -14.33
N SER C 53 -11.31 9.41 -13.91
CA SER C 53 -10.18 9.03 -13.04
C SER C 53 -9.10 8.40 -13.93
N LEU C 54 -7.87 8.36 -13.44
CA LEU C 54 -6.72 7.67 -14.06
C LEU C 54 -6.26 6.75 -12.92
N THR C 55 -6.22 5.43 -13.13
CA THR C 55 -5.81 4.45 -12.09
C THR C 55 -4.63 3.66 -12.67
N ILE C 56 -3.44 3.70 -12.07
CA ILE C 56 -2.25 2.93 -12.54
C ILE C 56 -1.94 1.84 -11.51
N THR C 57 -2.27 0.59 -11.76
CA THR C 57 -1.97 -0.54 -10.85
C THR C 57 -0.79 -1.27 -11.47
N GLY C 58 0.42 -1.17 -10.89
CA GLY C 58 1.56 -1.80 -11.57
C GLY C 58 2.64 -0.78 -11.86
N ALA C 59 2.90 -0.39 -13.11
CA ALA C 59 3.89 0.68 -13.35
C ALA C 59 3.71 1.46 -14.65
N GLN C 60 4.40 2.59 -14.78
CA GLN C 60 4.50 3.24 -16.07
C GLN C 60 5.76 2.82 -16.81
N ALA C 61 6.73 2.27 -16.09
CA ALA C 61 7.97 1.76 -16.68
C ALA C 61 8.56 0.75 -15.71
N GLU C 62 8.79 -0.48 -16.19
CA GLU C 62 9.22 -1.58 -15.32
C GLU C 62 10.56 -2.13 -15.81
N ASP C 63 11.55 -2.23 -14.92
CA ASP C 63 12.84 -2.87 -15.16
C ASP C 63 13.00 -3.99 -14.14
N GLU C 64 12.66 -5.21 -14.53
CA GLU C 64 12.70 -6.42 -13.69
C GLU C 64 13.82 -7.29 -14.27
N ALA C 65 14.82 -7.66 -13.50
CA ALA C 65 15.97 -8.37 -14.10
C ALA C 65 16.01 -9.83 -13.68
N ASP C 66 16.52 -10.19 -12.49
CA ASP C 66 16.46 -11.60 -12.01
C ASP C 66 15.20 -11.74 -11.18
N TYR C 67 14.05 -11.53 -11.81
CA TYR C 67 12.70 -11.49 -11.20
C TYR C 67 12.11 -12.89 -11.17
N TYR C 68 12.03 -13.55 -10.02
CA TYR C 68 11.44 -14.91 -9.96
C TYR C 68 10.44 -15.11 -8.83
N CYS C 69 9.56 -16.10 -8.96
CA CYS C 69 8.60 -16.62 -7.95
C CYS C 69 7.81 -15.56 -7.17
N ASN C 70 7.01 -14.76 -7.87
CA ASN C 70 6.17 -13.69 -7.27
C ASN C 70 4.71 -13.92 -7.67
N SER C 71 3.79 -13.35 -6.90
CA SER C 71 2.33 -13.39 -7.11
C SER C 71 1.82 -11.94 -7.05
N ARG C 72 1.45 -11.32 -8.17
CA ARG C 72 1.06 -9.88 -8.20
C ARG C 72 -0.39 -9.76 -8.65
N ASP C 73 -1.26 -9.06 -7.90
CA ASP C 73 -2.70 -8.92 -8.25
C ASP C 73 -2.94 -7.48 -8.72
N SER C 74 -2.91 -7.20 -10.02
CA SER C 74 -3.03 -5.88 -10.66
C SER C 74 -4.40 -5.67 -11.29
N SER C 75 -5.40 -6.50 -10.96
CA SER C 75 -6.78 -6.49 -11.51
C SER C 75 -7.48 -5.18 -11.14
N ALA C 76 -7.87 -4.33 -12.07
CA ALA C 76 -8.37 -3.03 -11.61
C ALA C 76 -9.88 -2.98 -11.43
N ASN C 77 -10.69 -2.93 -12.47
CA ASN C 77 -12.16 -2.64 -12.35
C ASN C 77 -13.11 -3.85 -12.40
N HIS C 78 -13.66 -4.34 -11.29
CA HIS C 78 -14.50 -5.56 -11.33
C HIS C 78 -15.87 -5.30 -10.65
N GLN C 79 -16.98 -5.39 -11.39
CA GLN C 79 -18.36 -5.27 -10.84
C GLN C 79 -18.94 -6.69 -10.79
N VAL C 80 -19.31 -7.22 -9.61
CA VAL C 80 -19.79 -8.63 -9.48
C VAL C 80 -21.32 -8.69 -9.52
N PHE C 81 -22.03 -7.78 -8.82
CA PHE C 81 -23.50 -7.69 -8.70
C PHE C 81 -23.92 -6.25 -8.93
N GLY C 82 -23.16 -5.47 -9.73
CA GLY C 82 -23.40 -4.06 -10.10
C GLY C 82 -24.82 -3.79 -10.58
N GLY C 83 -25.35 -2.58 -10.35
CA GLY C 83 -26.70 -2.19 -10.75
C GLY C 83 -27.73 -2.44 -9.66
N GLY C 84 -27.32 -2.83 -8.46
CA GLY C 84 -28.21 -3.08 -7.32
C GLY C 84 -28.57 -4.55 -7.24
N THR C 85 -29.20 -5.05 -6.16
CA THR C 85 -29.68 -6.45 -6.08
C THR C 85 -30.77 -6.54 -5.01
N LYS C 86 -31.90 -7.17 -5.28
CA LYS C 86 -32.88 -7.47 -4.20
C LYS C 86 -32.57 -8.93 -3.88
N LEU C 87 -31.81 -9.21 -2.82
CA LEU C 87 -31.37 -10.60 -2.52
C LEU C 87 -32.19 -11.11 -1.33
N THR C 88 -32.71 -12.33 -1.38
CA THR C 88 -33.60 -12.91 -0.34
C THR C 88 -33.17 -14.36 -0.06
N VAL C 89 -33.38 -14.85 1.16
CA VAL C 89 -33.08 -16.25 1.58
C VAL C 89 -34.18 -16.72 2.53
N ALA D 1 -25.89 -13.21 12.59
CA ALA D 1 -24.70 -12.39 12.95
C ALA D 1 -24.14 -11.73 11.68
N VAL D 2 -23.21 -10.78 11.84
CA VAL D 2 -22.56 -10.06 10.76
C VAL D 2 -21.09 -9.89 11.10
N SER D 3 -20.22 -10.21 10.15
CA SER D 3 -18.79 -10.16 10.37
C SER D 3 -18.14 -9.39 9.23
N VAL D 4 -17.32 -8.40 9.59
CA VAL D 4 -16.58 -7.61 8.63
C VAL D 4 -15.12 -7.59 9.03
N ALA D 5 -14.25 -7.98 8.09
CA ALA D 5 -12.82 -8.06 8.37
C ALA D 5 -12.07 -7.42 7.22
N LEU D 6 -11.27 -6.37 7.49
CA LEU D 6 -10.39 -5.69 6.52
C LEU D 6 -8.97 -5.94 7.03
N GLY D 7 -8.10 -6.63 6.28
CA GLY D 7 -6.74 -6.92 6.66
C GLY D 7 -6.33 -8.29 6.18
N GLN D 8 -5.12 -8.51 5.60
CA GLN D 8 -4.65 -9.77 5.00
C GLN D 8 -4.22 -10.69 6.13
N THR D 9 -4.58 -11.97 6.07
CA THR D 9 -4.17 -12.97 7.06
C THR D 9 -2.84 -13.52 6.53
N VAL D 10 -1.72 -13.25 7.18
CA VAL D 10 -0.39 -13.69 6.67
C VAL D 10 0.28 -14.60 7.69
N ARG D 11 0.65 -15.83 7.32
CA ARG D 11 1.42 -16.74 8.21
C ARG D 11 2.79 -16.88 7.53
N ILE D 12 3.88 -16.39 8.12
CA ILE D 12 5.20 -16.43 7.44
C ILE D 12 6.24 -17.16 8.29
N THR D 13 6.92 -18.18 7.76
CA THR D 13 8.06 -18.86 8.41
C THR D 13 9.24 -18.37 7.58
N CYS D 14 10.20 -17.66 8.18
CA CYS D 14 11.31 -17.03 7.42
C CYS D 14 12.68 -17.40 7.98
N GLN D 15 13.52 -18.16 7.27
CA GLN D 15 14.92 -18.46 7.68
C GLN D 15 15.79 -17.62 6.75
N GLY D 16 16.65 -16.66 7.23
CA GLY D 16 17.41 -15.67 6.43
C GLY D 16 18.61 -16.26 5.71
N ASP D 17 19.20 -15.52 4.77
CA ASP D 17 20.33 -16.00 3.96
C ASP D 17 21.46 -16.45 4.89
N SER D 18 22.27 -17.40 4.44
CA SER D 18 23.38 -17.97 5.25
C SER D 18 24.68 -18.08 4.42
N LEU D 19 25.78 -18.49 5.03
CA LEU D 19 27.12 -18.70 4.43
C LEU D 19 27.44 -17.72 3.28
N ARG D 20 27.28 -16.41 3.47
CA ARG D 20 27.61 -15.38 2.46
C ARG D 20 29.08 -14.99 2.57
N SER D 21 29.84 -14.90 1.46
CA SER D 21 31.30 -14.59 1.47
C SER D 21 31.33 -13.39 0.50
N TYR D 22 31.32 -12.17 1.03
CA TYR D 22 31.41 -10.88 0.33
C TYR D 22 32.79 -10.24 0.52
N SER D 23 33.54 -9.95 -0.55
CA SER D 23 34.83 -9.24 -0.46
C SER D 23 34.73 -7.96 -1.31
N ALA D 24 34.69 -6.76 -0.76
CA ALA D 24 34.55 -5.48 -1.53
C ALA D 24 33.35 -5.53 -2.49
N SER D 25 32.18 -5.96 -2.03
CA SER D 25 31.01 -6.33 -2.87
C SER D 25 29.80 -5.40 -2.81
N TRP D 26 29.18 -5.16 -1.66
CA TRP D 26 27.89 -4.42 -1.67
C TRP D 26 28.10 -2.90 -1.53
N TYR D 27 28.15 -2.16 -2.65
CA TYR D 27 28.35 -0.69 -2.72
C TYR D 27 27.09 0.00 -3.25
N GLN D 28 26.64 1.12 -2.66
CA GLN D 28 25.49 1.90 -3.17
C GLN D 28 25.83 3.41 -3.18
N GLN D 29 25.95 4.03 -4.34
CA GLN D 29 26.22 5.48 -4.46
C GLN D 29 24.93 6.03 -5.03
N LYS D 30 23.94 6.34 -4.16
CA LYS D 30 22.58 6.79 -4.59
C LYS D 30 22.23 8.18 -4.04
N PRO D 31 22.88 9.30 -4.46
CA PRO D 31 22.54 10.67 -4.01
C PRO D 31 21.30 11.39 -4.56
N GLY D 32 20.41 11.96 -3.72
CA GLY D 32 19.23 12.72 -4.15
C GLY D 32 17.93 11.96 -4.08
N GLN D 33 17.62 11.23 -3.00
CA GLN D 33 16.28 10.64 -2.91
C GLN D 33 15.48 11.78 -2.31
N ALA D 34 15.32 12.84 -3.10
CA ALA D 34 14.65 14.10 -2.73
C ALA D 34 13.43 14.37 -3.62
N PRO D 35 12.31 13.64 -3.48
CA PRO D 35 11.11 13.94 -4.25
C PRO D 35 10.54 15.32 -3.93
N VAL D 36 9.90 15.97 -4.91
CA VAL D 36 9.28 17.32 -4.77
C VAL D 36 7.78 17.13 -4.80
N LEU D 37 7.02 17.78 -3.91
CA LEU D 37 5.54 17.67 -3.88
C LEU D 37 5.00 19.09 -3.70
N VAL D 38 4.24 19.64 -4.67
CA VAL D 38 3.83 21.04 -4.69
C VAL D 38 2.34 21.17 -4.93
N ILE D 39 1.73 22.10 -4.20
CA ILE D 39 0.31 22.40 -4.33
C ILE D 39 0.15 23.90 -4.61
N PHE D 40 -1.03 24.27 -5.10
CA PHE D 40 -1.29 25.64 -5.51
C PHE D 40 -2.79 25.86 -5.55
N ARG D 41 -3.17 27.14 -5.66
CA ARG D 41 -4.55 27.53 -5.88
C ARG D 41 -4.61 28.81 -6.71
N ARG D 42 -24.47 24.63 -2.33
CA ARG D 42 -25.61 24.20 -1.48
C ARG D 42 -25.56 22.67 -1.29
N PHE D 43 -25.20 22.17 -0.10
CA PHE D 43 -25.12 20.74 0.16
C PHE D 43 -26.01 20.36 1.34
N SER D 44 -26.88 19.35 1.21
CA SER D 44 -27.72 18.86 2.33
C SER D 44 -27.61 17.33 2.46
N GLY D 45 -27.00 16.79 3.54
CA GLY D 45 -26.91 15.32 3.71
C GLY D 45 -25.68 14.82 4.49
N SER D 46 -24.92 13.84 3.96
CA SER D 46 -23.81 13.18 4.63
C SER D 46 -22.63 13.06 3.67
N SER D 47 -21.45 13.61 4.06
CA SER D 47 -20.19 13.54 3.27
C SER D 47 -19.19 12.73 4.12
N SER D 48 -18.78 11.53 3.70
CA SER D 48 -17.89 10.65 4.45
C SER D 48 -16.73 10.19 3.57
N GLY D 49 -16.28 11.04 2.66
CA GLY D 49 -15.23 10.64 1.75
C GLY D 49 -14.33 11.81 1.39
N ASN D 50 -13.17 11.46 0.80
CA ASN D 50 -12.12 12.40 0.35
C ASN D 50 -12.69 13.23 -0.82
N THR D 51 -12.76 14.57 -0.56
CA THR D 51 -13.39 15.59 -1.38
C THR D 51 -12.37 16.32 -2.27
N ALA D 52 -11.21 16.67 -1.75
CA ALA D 52 -10.05 17.24 -2.51
C ALA D 52 -8.78 16.99 -1.70
N SER D 53 -8.60 15.75 -1.27
CA SER D 53 -7.51 15.31 -0.36
C SER D 53 -6.45 14.63 -1.23
N LEU D 54 -5.23 14.52 -0.70
CA LEU D 54 -4.10 13.77 -1.29
C LEU D 54 -3.72 12.83 -0.13
N THR D 55 -3.74 11.51 -0.32
CA THR D 55 -3.41 10.52 0.73
C THR D 55 -2.26 9.67 0.17
N ILE D 56 -1.09 9.66 0.82
CA ILE D 56 0.07 8.82 0.38
C ILE D 56 0.31 7.73 1.43
N THR D 57 -0.09 6.48 1.18
CA THR D 57 0.13 5.35 2.10
C THR D 57 1.29 4.56 1.52
N GLY D 58 2.48 4.60 2.13
CA GLY D 58 3.61 3.90 1.48
C GLY D 58 4.74 4.87 1.22
N ALA D 59 5.06 5.23 -0.04
CA ALA D 59 6.11 6.25 -0.27
C ALA D 59 5.99 7.01 -1.58
N GLN D 60 6.75 8.11 -1.68
CA GLN D 60 6.91 8.74 -2.98
C GLN D 60 8.17 8.26 -3.69
N ALA D 61 9.09 7.65 -2.94
CA ALA D 61 10.31 7.09 -3.50
C ALA D 61 10.83 6.05 -2.51
N GLU D 62 11.01 4.81 -2.97
CA GLU D 62 11.35 3.69 -2.08
C GLU D 62 12.69 3.07 -2.52
N ASP D 63 13.65 2.93 -1.61
CA ASP D 63 14.91 2.22 -1.81
C ASP D 63 14.98 1.12 -0.78
N GLU D 64 14.58 -0.10 -1.18
CA GLU D 64 14.55 -1.31 -0.33
C GLU D 64 15.63 -2.24 -0.87
N ALA D 65 16.60 -2.65 -0.06
CA ALA D 65 17.71 -3.43 -0.64
C ALA D 65 17.66 -4.88 -0.19
N ASP D 66 18.13 -5.26 1.00
CA ASP D 66 17.99 -6.65 1.48
C ASP D 66 16.70 -6.72 2.28
N TYR D 67 15.58 -6.46 1.62
CA TYR D 67 14.22 -6.35 2.20
C TYR D 67 13.55 -7.72 2.23
N TYR D 68 13.42 -8.37 3.39
CA TYR D 68 12.75 -9.69 3.44
C TYR D 68 11.71 -9.82 4.56
N CYS D 69 10.79 -10.77 4.41
CA CYS D 69 9.77 -11.21 5.39
C CYS D 69 9.02 -10.12 6.15
N ASN D 70 8.29 -9.28 5.43
CA ASN D 70 7.49 -8.17 5.99
C ASN D 70 6.03 -8.32 5.55
N SER D 71 5.11 -7.71 6.30
CA SER D 71 3.65 -7.67 6.05
C SER D 71 3.23 -6.19 6.08
N ARG D 72 2.92 -5.56 4.95
CA ARG D 72 2.61 -4.11 4.90
C ARG D 72 1.18 -3.92 4.42
N ASP D 73 0.33 -3.17 5.13
CA ASP D 73 -1.09 -2.96 4.75
C ASP D 73 -1.25 -1.50 4.26
N SER D 74 -1.17 -1.24 2.96
CA SER D 74 -1.20 0.09 2.31
C SER D 74 -2.56 0.35 1.64
N SER D 75 -3.60 -0.42 1.96
CA SER D 75 -4.96 -0.34 1.37
C SER D 75 -5.61 1.01 1.72
N ALA D 76 -5.92 1.86 0.76
CA ALA D 76 -6.36 3.19 1.21
C ALA D 76 -7.87 3.32 1.36
N ASN D 77 -8.66 3.40 0.28
CA ASN D 77 -10.11 3.77 0.38
C ASN D 77 -11.13 2.61 0.29
N HIS D 78 -11.71 2.16 1.40
CA HIS D 78 -12.63 0.99 1.36
C HIS D 78 -14.00 1.32 1.99
N GLN D 79 -15.10 1.28 1.23
CA GLN D 79 -16.49 1.48 1.74
C GLN D 79 -17.13 0.09 1.79
N VAL D 80 -17.55 -0.41 2.97
CA VAL D 80 -18.11 -1.79 3.09
C VAL D 80 -19.65 -1.77 3.02
N PHE D 81 -20.32 -0.82 3.69
CA PHE D 81 -21.78 -0.66 3.77
C PHE D 81 -22.13 0.81 3.52
N GLY D 82 -21.31 1.54 2.73
CA GLY D 82 -21.46 2.96 2.34
C GLY D 82 -22.86 3.29 1.83
N GLY D 83 -23.32 4.53 2.03
CA GLY D 83 -24.65 4.99 1.59
C GLY D 83 -25.73 4.81 2.66
N GLY D 84 -25.35 4.40 3.88
CA GLY D 84 -26.28 4.20 4.99
C GLY D 84 -26.72 2.76 5.08
N THR D 85 -27.41 2.31 6.14
CA THR D 85 -27.95 0.93 6.23
C THR D 85 -29.08 0.90 7.27
N LYS D 86 -30.24 0.33 6.98
CA LYS D 86 -31.25 0.10 8.03
C LYS D 86 -31.03 -1.38 8.38
N LEU D 87 -30.31 -1.69 9.45
CA LEU D 87 -29.95 -3.10 9.77
C LEU D 87 -30.83 -3.54 10.95
N THR D 88 -31.40 -4.75 10.89
CA THR D 88 -32.35 -5.26 11.91
C THR D 88 -32.00 -6.73 12.22
N VAL D 89 -32.27 -7.20 13.45
CA VAL D 89 -32.05 -8.61 13.87
C VAL D 89 -33.20 -9.02 14.80
N ALA E 1 -25.60 -10.77 16.74
CA ALA E 1 -24.41 -9.96 17.10
C ALA E 1 -23.81 -9.32 15.84
N VAL E 2 -22.87 -8.39 16.02
CA VAL E 2 -22.20 -7.66 14.94
C VAL E 2 -20.72 -7.53 15.29
N SER E 3 -19.86 -7.87 14.34
CA SER E 3 -18.43 -7.83 14.57
C SER E 3 -17.75 -7.09 13.44
N VAL E 4 -16.93 -6.11 13.80
CA VAL E 4 -16.16 -5.34 12.84
C VAL E 4 -14.70 -5.35 13.25
N ALA E 5 -13.83 -5.75 12.33
CA ALA E 5 -12.41 -5.86 12.61
C ALA E 5 -11.62 -5.24 11.47
N LEU E 6 -10.82 -4.19 11.75
CA LEU E 6 -9.93 -3.54 10.78
C LEU E 6 -8.50 -3.80 11.30
N GLY E 7 -7.64 -4.51 10.57
CA GLY E 7 -6.29 -4.83 10.96
C GLY E 7 -5.90 -6.20 10.49
N GLN E 8 -4.69 -6.45 9.91
CA GLN E 8 -4.23 -7.71 9.33
C GLN E 8 -3.83 -8.63 10.46
N THR E 9 -4.21 -9.90 10.40
CA THR E 9 -3.83 -10.92 11.40
C THR E 9 -2.51 -11.49 10.88
N VAL E 10 -1.38 -11.24 11.53
CA VAL E 10 -0.06 -11.70 11.03
C VAL E 10 0.59 -12.63 12.07
N ARG E 11 0.95 -13.86 11.70
CA ARG E 11 1.69 -14.78 12.60
C ARG E 11 3.05 -14.95 11.93
N ILE E 12 4.15 -14.48 12.53
CA ILE E 12 5.48 -14.54 11.86
C ILE E 12 6.50 -15.28 12.73
N THR E 13 7.16 -16.32 12.20
CA THR E 13 8.29 -17.01 12.86
C THR E 13 9.49 -16.54 12.04
N CYS E 14 10.44 -15.85 12.64
CA CYS E 14 11.57 -15.25 11.89
C CYS E 14 12.93 -15.62 12.46
N GLN E 15 13.76 -16.40 11.77
CA GLN E 15 15.16 -16.73 12.19
C GLN E 15 16.05 -15.91 11.26
N GLY E 16 16.92 -14.97 11.74
CA GLY E 16 17.70 -14.00 10.95
C GLY E 16 18.90 -14.60 10.24
N ASP E 17 19.50 -13.88 9.30
CA ASP E 17 20.64 -14.37 8.50
C ASP E 17 21.76 -14.84 9.45
N SER E 18 22.56 -15.81 9.01
CA SER E 18 23.65 -16.39 9.83
C SER E 18 24.95 -16.53 9.01
N LEU E 19 26.05 -16.95 9.63
CA LEU E 19 27.39 -17.19 9.03
C LEU E 19 27.72 -16.23 7.89
N ARG E 20 27.59 -14.91 8.08
CA ARG E 20 27.93 -13.88 7.05
C ARG E 20 29.42 -13.53 7.18
N SER E 21 30.19 -13.44 6.09
CA SER E 21 31.65 -13.16 6.10
C SER E 21 31.71 -11.97 5.13
N TYR E 22 31.72 -10.75 5.66
CA TYR E 22 31.83 -9.46 4.95
C TYR E 22 33.23 -8.84 5.16
N SER E 23 33.98 -8.58 4.08
CA SER E 23 35.29 -7.88 4.19
C SER E 23 35.21 -6.61 3.33
N ALA E 24 35.19 -5.40 3.87
CA ALA E 24 35.08 -4.13 3.11
C ALA E 24 33.90 -4.15 2.13
N SER E 25 32.71 -4.55 2.58
CA SER E 25 31.54 -4.90 1.74
C SER E 25 30.35 -3.96 1.78
N TRP E 26 29.72 -3.71 2.93
CA TRP E 26 28.44 -2.94 2.90
C TRP E 26 28.68 -1.43 3.04
N TYR E 27 28.76 -0.70 1.92
CA TYR E 27 28.98 0.77 1.86
C TYR E 27 27.73 1.48 1.31
N GLN E 28 27.29 2.61 1.90
CA GLN E 28 26.16 3.42 1.37
C GLN E 28 26.53 4.91 1.36
N GLN E 29 26.68 5.52 0.19
CA GLN E 29 26.97 6.96 0.08
C GLN E 29 25.69 7.55 -0.51
N LYS E 30 24.70 7.87 0.35
CA LYS E 30 23.35 8.34 -0.10
C LYS E 30 23.03 9.75 0.46
N PRO E 31 23.69 10.85 0.03
CA PRO E 31 23.38 12.23 0.49
C PRO E 31 22.15 12.97 -0.08
N GLY E 32 21.27 13.56 0.75
CA GLY E 32 20.10 14.34 0.32
C GLY E 32 18.79 13.60 0.38
N GLN E 33 18.46 12.88 1.45
CA GLN E 33 17.10 12.31 1.53
C GLN E 33 16.31 13.46 2.12
N ALA E 34 16.18 14.52 1.32
CA ALA E 34 15.53 15.80 1.68
C ALA E 34 14.33 16.08 0.78
N PRO E 35 13.19 15.37 0.91
CA PRO E 35 12.01 15.70 0.14
C PRO E 35 11.45 17.09 0.44
N VAL E 36 10.84 17.74 -0.54
CA VAL E 36 10.25 19.10 -0.41
C VAL E 36 8.73 18.95 -0.45
N LEU E 37 7.98 19.60 0.43
CA LEU E 37 6.49 19.52 0.45
C LEU E 37 5.98 20.96 0.63
N VAL E 38 5.24 21.52 -0.35
CA VAL E 38 4.86 22.92 -0.37
C VAL E 38 3.38 23.07 -0.64
N ILE E 39 2.77 24.02 0.08
CA ILE E 39 1.35 24.34 -0.06
C ILE E 39 1.23 25.83 -0.35
N PHE E 40 0.06 26.23 -0.85
CA PHE E 40 -0.18 27.60 -1.26
C PHE E 40 -1.68 27.85 -1.31
N ARG E 41 -2.03 29.13 -1.42
CA ARG E 41 -3.40 29.55 -1.67
C ARG E 41 -3.44 30.82 -2.49
N ARG E 42 -23.40 27.00 1.73
CA ARG E 42 -24.55 26.60 2.57
C ARG E 42 -24.52 25.07 2.76
N PHE E 43 -24.20 24.56 3.96
CA PHE E 43 -24.13 23.14 4.23
C PHE E 43 -25.04 22.78 5.40
N SER E 44 -25.92 21.78 5.27
CA SER E 44 -26.79 21.30 6.39
C SER E 44 -26.69 19.77 6.52
N GLY E 45 -26.12 19.22 7.60
CA GLY E 45 -26.05 17.76 7.78
C GLY E 45 -24.84 17.23 8.56
N SER E 46 -24.08 16.23 8.04
CA SER E 46 -22.99 15.56 8.72
C SER E 46 -21.80 15.43 7.79
N SER E 47 -20.62 15.95 8.17
CA SER E 47 -19.35 15.86 7.41
C SER E 47 -18.38 15.04 8.27
N SER E 48 -17.98 13.83 7.85
CA SER E 48 -17.11 12.93 8.60
C SER E 48 -15.96 12.44 7.75
N GLY E 49 -15.48 13.28 6.82
CA GLY E 49 -14.43 12.87 5.93
C GLY E 49 -13.52 14.01 5.57
N ASN E 50 -12.35 13.65 4.99
CA ASN E 50 -11.28 14.58 4.54
C ASN E 50 -11.83 15.40 3.37
N THR E 51 -11.87 16.75 3.63
CA THR E 51 -12.49 17.78 2.79
C THR E 51 -11.43 18.49 1.92
N ALA E 52 -10.27 18.82 2.43
CA ALA E 52 -9.11 19.37 1.70
C ALA E 52 -7.85 19.09 2.51
N SER E 53 -7.70 17.86 2.95
CA SER E 53 -6.62 17.40 3.86
C SER E 53 -5.57 16.69 3.01
N LEU E 54 -4.35 16.57 3.55
CA LEU E 54 -3.23 15.79 2.98
C LEU E 54 -2.87 14.86 4.14
N THR E 55 -2.93 13.54 3.95
CA THR E 55 -2.61 12.54 5.01
C THR E 55 -1.47 11.67 4.46
N ILE E 56 -0.30 11.64 5.11
CA ILE E 56 0.84 10.78 4.69
C ILE E 56 1.06 9.69 5.74
N THR E 57 0.64 8.46 5.49
CA THR E 57 0.83 7.32 6.43
C THR E 57 1.98 6.50 5.86
N GLY E 58 3.16 6.53 6.46
CA GLY E 58 4.28 5.81 5.84
C GLY E 58 5.43 6.75 5.57
N ALA E 59 5.78 7.10 4.33
CA ALA E 59 6.84 8.11 4.10
C ALA E 59 6.74 8.87 2.78
N GLN E 60 7.53 9.95 2.68
CA GLN E 60 7.71 10.57 1.39
C GLN E 60 8.96 10.07 0.69
N ALA E 61 9.87 9.44 1.44
CA ALA E 61 11.08 8.86 0.91
C ALA E 61 11.57 7.81 1.90
N GLU E 62 11.73 6.57 1.45
CA GLU E 62 12.06 5.45 2.34
C GLU E 62 13.38 4.81 1.91
N ASP E 63 14.33 4.65 2.83
CA ASP E 63 15.58 3.92 2.63
C ASP E 63 15.63 2.81 3.67
N GLU E 64 15.21 1.60 3.28
CA GLU E 64 15.15 0.40 4.13
C GLU E 64 16.22 -0.55 3.61
N ALA E 65 17.17 -0.97 4.41
CA ALA E 65 18.27 -1.78 3.85
C ALA E 65 18.19 -3.23 4.29
N ASP E 66 18.64 -3.61 5.50
CA ASP E 66 18.48 -4.99 5.98
C ASP E 66 17.18 -5.04 6.78
N TYR E 67 16.07 -4.76 6.11
CA TYR E 67 14.71 -4.63 6.67
C TYR E 67 14.03 -5.98 6.69
N TYR E 68 13.86 -6.62 7.85
CA TYR E 68 13.17 -7.94 7.90
C TYR E 68 12.12 -8.05 9.01
N CYS E 69 11.19 -8.98 8.85
CA CYS E 69 10.15 -9.41 9.84
C CYS E 69 9.42 -8.30 10.58
N ASN E 70 8.70 -7.45 9.85
CA ASN E 70 7.91 -6.32 10.40
C ASN E 70 6.46 -6.45 9.96
N SER E 71 5.55 -5.81 10.70
CA SER E 71 4.09 -5.76 10.43
C SER E 71 3.70 -4.27 10.46
N ARG E 72 3.41 -3.64 9.33
CA ARG E 72 3.13 -2.18 9.27
C ARG E 72 1.69 -1.96 8.77
N ASP E 73 0.86 -1.19 9.48
CA ASP E 73 -0.56 -0.96 9.09
C ASP E 73 -0.69 0.50 8.59
N SER E 74 -0.60 0.75 7.28
CA SER E 74 -0.60 2.08 6.63
C SER E 74 -1.94 2.37 5.95
N SER E 75 -3.00 1.61 6.26
CA SER E 75 -4.36 1.71 5.66
C SER E 75 -4.98 3.07 6.00
N ALA E 76 -5.27 3.93 5.05
CA ALA E 76 -5.69 5.26 5.47
C ALA E 76 -7.20 5.42 5.61
N ASN E 77 -7.98 5.51 4.53
CA ASN E 77 -9.42 5.90 4.61
C ASN E 77 -10.46 4.77 4.54
N HIS E 78 -11.07 4.33 5.63
CA HIS E 78 -12.00 3.16 5.58
C HIS E 78 -13.36 3.53 6.21
N GLN E 79 -14.46 3.51 5.44
CA GLN E 79 -15.85 3.73 5.94
C GLN E 79 -16.52 2.34 5.98
N VAL E 80 -16.96 1.86 7.15
CA VAL E 80 -17.54 0.50 7.28
C VAL E 80 -19.07 0.55 7.19
N PHE E 81 -19.73 1.50 7.85
CA PHE E 81 -21.20 1.69 7.93
C PHE E 81 -21.51 3.16 7.66
N GLY E 82 -20.67 3.88 6.88
CA GLY E 82 -20.81 5.29 6.49
C GLY E 82 -22.19 5.66 5.96
N GLY E 83 -22.64 6.90 6.16
CA GLY E 83 -23.96 7.38 5.71
C GLY E 83 -25.03 7.22 6.77
N GLY E 84 -24.68 6.81 7.98
CA GLY E 84 -25.62 6.64 9.10
C GLY E 84 -26.09 5.20 9.19
N THR E 85 -26.79 4.76 10.24
CA THR E 85 -27.37 3.40 10.32
C THR E 85 -28.49 3.39 11.36
N LYS E 86 -29.66 2.83 11.06
CA LYS E 86 -30.68 2.62 12.10
C LYS E 86 -30.50 1.14 12.46
N LEU E 87 -29.79 0.83 13.54
CA LEU E 87 -29.46 -0.59 13.87
C LEU E 87 -30.34 -1.02 15.04
N THR E 88 -30.95 -2.21 14.97
CA THR E 88 -31.92 -2.71 16.00
C THR E 88 -31.59 -4.17 16.31
N VAL E 89 -31.87 -4.64 17.53
CA VAL E 89 -31.68 -6.06 17.97
C VAL E 89 -32.84 -6.44 18.89
N ALA F 1 -25.29 -8.31 20.90
CA ALA F 1 -24.09 -7.52 21.27
C ALA F 1 -23.48 -6.90 20.01
N VAL F 2 -22.52 -5.98 20.18
CA VAL F 2 -21.83 -5.28 19.10
C VAL F 2 -20.36 -5.15 19.47
N SER F 3 -19.49 -5.52 18.54
CA SER F 3 -18.06 -5.51 18.77
C SER F 3 -17.36 -4.78 17.65
N VAL F 4 -16.52 -3.82 18.02
CA VAL F 4 -15.74 -3.05 17.05
C VAL F 4 -14.28 -3.09 17.48
N ALA F 5 -13.40 -3.51 16.56
CA ALA F 5 -11.99 -3.65 16.86
C ALA F 5 -11.19 -3.04 15.73
N LEU F 6 -10.37 -2.02 16.00
CA LEU F 6 -9.45 -1.37 15.03
C LEU F 6 -8.04 -1.66 15.57
N GLY F 7 -7.19 -2.38 14.85
CA GLY F 7 -5.85 -2.73 15.25
C GLY F 7 -5.47 -4.11 14.78
N GLN F 8 -4.27 -4.37 14.22
CA GLN F 8 -3.82 -5.65 13.64
C GLN F 8 -3.44 -6.57 14.78
N THR F 9 -3.85 -7.84 14.72
CA THR F 9 -3.49 -8.85 15.73
C THR F 9 -2.18 -9.45 15.22
N VAL F 10 -1.05 -9.22 15.89
CA VAL F 10 0.26 -9.70 15.40
C VAL F 10 0.89 -10.63 16.44
N ARG F 11 1.23 -11.88 16.08
CA ARG F 11 1.96 -12.81 16.98
C ARG F 11 3.32 -12.99 16.33
N ILE F 12 4.41 -12.55 16.94
CA ILE F 12 5.75 -12.63 16.28
C ILE F 12 6.75 -13.39 17.15
N THR F 13 7.40 -14.44 16.64
CA THR F 13 8.51 -15.15 17.31
C THR F 13 9.72 -14.71 16.49
N CYS F 14 10.68 -14.02 17.10
CA CYS F 14 11.83 -13.45 16.37
C CYS F 14 13.17 -13.85 16.94
N GLN F 15 14.00 -14.64 16.26
CA GLN F 15 15.38 -14.99 16.69
C GLN F 15 16.30 -14.19 15.77
N GLY F 16 17.19 -13.27 16.25
CA GLY F 16 17.98 -12.30 15.47
C GLY F 16 19.18 -12.93 14.77
N ASP F 17 19.80 -12.22 13.84
CA ASP F 17 20.94 -12.75 13.04
C ASP F 17 22.04 -13.22 14.00
N SER F 18 22.82 -14.22 13.57
CA SER F 18 23.91 -14.81 14.39
C SER F 18 25.20 -14.97 13.59
N LEU F 19 26.29 -15.41 14.22
CA LEU F 19 27.63 -15.67 13.64
C LEU F 19 28.00 -14.72 12.49
N ARG F 20 27.88 -13.41 12.68
CA ARG F 20 28.25 -12.38 11.66
C ARG F 20 29.75 -12.05 11.80
N SER F 21 30.51 -11.98 10.70
CA SER F 21 31.99 -11.73 10.73
C SER F 21 32.09 -10.54 9.76
N TYR F 22 32.09 -9.31 10.28
CA TYR F 22 32.25 -8.02 9.57
C TYR F 22 33.65 -7.44 9.79
N SER F 23 34.42 -7.19 8.72
CA SER F 23 35.74 -6.52 8.83
C SER F 23 35.69 -5.25 7.96
N ALA F 24 35.68 -4.03 8.51
CA ALA F 24 35.60 -2.76 7.74
C ALA F 24 34.42 -2.77 6.75
N SER F 25 33.23 -3.16 7.20
CA SER F 25 32.06 -3.49 6.35
C SER F 25 30.88 -2.51 6.38
N TRP F 26 30.25 -2.25 7.52
CA TRP F 26 28.98 -1.47 7.48
C TRP F 26 29.24 0.04 7.62
N TYR F 27 29.34 0.77 6.49
CA TYR F 27 29.60 2.23 6.43
C TYR F 27 28.37 2.96 5.86
N GLN F 28 27.94 4.10 6.44
CA GLN F 28 26.82 4.93 5.90
C GLN F 28 27.23 6.41 5.89
N GLN F 29 27.39 7.03 4.74
CA GLN F 29 27.70 8.46 4.62
C GLN F 29 26.45 9.06 4.02
N LYS F 30 25.45 9.41 4.87
CA LYS F 30 24.11 9.90 4.41
C LYS F 30 23.80 11.31 4.96
N PRO F 31 24.49 12.40 4.54
CA PRO F 31 24.20 13.79 4.97
C PRO F 31 23.00 14.54 4.40
N GLY F 32 22.12 15.15 5.22
CA GLY F 32 20.97 15.95 4.77
C GLY F 32 19.64 15.24 4.82
N GLN F 33 19.30 14.52 5.90
CA GLN F 33 17.92 13.98 5.97
C GLN F 33 17.15 15.15 6.55
N ALA F 34 17.04 16.21 5.74
CA ALA F 34 16.41 17.49 6.11
C ALA F 34 15.22 17.80 5.19
N PRO F 35 14.06 17.10 5.31
CA PRO F 35 12.90 17.45 4.52
C PRO F 35 12.37 18.85 4.82
N VAL F 36 11.78 19.52 3.82
CA VAL F 36 11.20 20.88 3.95
C VAL F 36 9.68 20.75 3.90
N LEU F 37 8.94 21.43 4.78
CA LEU F 37 7.45 21.37 4.78
C LEU F 37 6.96 22.81 4.95
N VAL F 38 6.24 23.38 3.96
CA VAL F 38 5.88 24.80 3.93
C VAL F 38 4.40 24.97 3.65
N ILE F 39 3.81 25.93 4.37
CA ILE F 39 2.40 26.28 4.21
C ILE F 39 2.30 27.78 3.93
N PHE F 40 1.14 28.18 3.42
CA PHE F 40 0.93 29.55 2.99
C PHE F 40 -0.56 29.84 2.93
N ARG F 41 -0.89 31.12 2.81
CA ARG F 41 -2.25 31.56 2.56
C ARG F 41 -2.26 32.84 1.73
N ARG F 42 -22.32 29.37 5.78
CA ARG F 42 -23.48 28.99 6.63
C ARG F 42 -23.49 27.46 6.83
N PHE F 43 -23.18 26.94 8.03
CA PHE F 43 -23.14 25.52 8.30
C PHE F 43 -24.06 25.18 9.46
N SER F 44 -24.96 24.20 9.33
CA SER F 44 -25.85 23.74 10.43
C SER F 44 -25.78 22.21 10.57
N GLY F 45 -25.22 21.65 11.65
CA GLY F 45 -25.18 20.18 11.84
C GLY F 45 -23.98 19.65 12.64
N SER F 46 -23.24 18.63 12.13
CA SER F 46 -22.17 17.95 12.82
C SER F 46 -20.98 17.78 11.89
N SER F 47 -19.78 18.30 12.29
CA SER F 47 -18.52 18.18 11.53
C SER F 47 -17.56 17.34 12.40
N SER F 48 -17.18 16.12 11.99
CA SER F 48 -16.34 15.22 12.75
C SER F 48 -15.18 14.70 11.91
N GLY F 49 -14.68 15.53 11.00
CA GLY F 49 -13.63 15.10 10.10
C GLY F 49 -12.69 16.22 9.76
N ASN F 50 -11.54 15.84 9.19
CA ASN F 50 -10.44 16.74 8.75
C ASN F 50 -10.96 17.57 7.57
N THR F 51 -10.98 18.92 7.82
CA THR F 51 -11.58 19.96 6.97
C THR F 51 -10.51 20.64 6.10
N ALA F 52 -9.35 20.96 6.63
CA ALA F 52 -8.16 21.50 5.90
C ALA F 52 -6.91 21.20 6.73
N SER F 53 -6.79 19.95 7.17
CA SER F 53 -5.73 19.48 8.10
C SER F 53 -4.67 18.76 7.25
N LEU F 54 -3.47 18.62 7.80
CA LEU F 54 -2.36 17.82 7.24
C LEU F 54 -2.03 16.88 8.40
N THR F 55 -2.09 15.56 8.22
CA THR F 55 -1.81 14.56 9.28
C THR F 55 -0.69 13.67 8.75
N ILE F 56 0.48 13.61 9.41
CA ILE F 56 1.61 12.74 9.00
C ILE F 56 1.79 11.65 10.06
N THR F 57 1.36 10.41 9.80
CA THR F 57 1.53 9.28 10.74
C THR F 57 2.67 8.44 10.19
N GLY F 58 3.84 8.45 10.81
CA GLY F 58 4.96 7.71 10.18
C GLY F 58 6.13 8.63 9.93
N ALA F 59 6.48 8.97 8.69
CA ALA F 59 7.57 9.96 8.46
C ALA F 59 7.50 10.71 7.15
N GLN F 60 8.30 11.78 7.04
CA GLN F 60 8.51 12.40 5.75
C GLN F 60 9.75 11.87 5.07
N ALA F 61 10.64 11.24 5.83
CA ALA F 61 11.85 10.63 5.30
C ALA F 61 12.31 9.58 6.31
N GLU F 62 12.45 8.33 5.85
CA GLU F 62 12.75 7.21 6.75
C GLU F 62 14.06 6.55 6.34
N ASP F 63 15.01 6.37 7.27
CA ASP F 63 16.24 5.63 7.09
C ASP F 63 16.26 4.51 8.13
N GLU F 64 15.83 3.31 7.73
CA GLU F 64 15.74 2.11 8.59
C GLU F 64 16.79 1.14 8.07
N ALA F 65 17.73 0.69 8.88
CA ALA F 65 18.83 -0.12 8.34
C ALA F 65 18.72 -1.57 8.79
N ASP F 66 19.15 -1.95 9.99
CA ASP F 66 18.96 -3.34 10.48
C ASP F 66 17.66 -3.36 11.26
N TYR F 67 16.55 -3.06 10.58
CA TYR F 67 15.20 -2.90 11.14
C TYR F 67 14.48 -4.24 11.15
N TYR F 68 14.31 -4.87 12.31
CA TYR F 68 13.59 -6.18 12.37
C TYR F 68 12.53 -6.26 13.47
N CYS F 69 11.58 -7.18 13.31
CA CYS F 69 10.53 -7.59 14.28
C CYS F 69 9.81 -6.46 15.02
N ASN F 70 9.11 -5.61 14.28
CA ASN F 70 8.34 -4.46 14.82
C ASN F 70 6.88 -4.57 14.36
N SER F 71 5.98 -3.91 15.09
CA SER F 71 4.54 -3.83 14.81
C SER F 71 4.16 -2.34 14.83
N ARG F 72 3.89 -1.70 13.69
CA ARG F 72 3.63 -0.25 13.63
C ARG F 72 2.20 0.00 13.13
N ASP F 73 1.37 0.78 13.82
CA ASP F 73 -0.04 1.04 13.41
C ASP F 73 -0.14 2.49 12.92
N SER F 74 -0.02 2.74 11.61
CA SER F 74 0.00 4.07 10.95
C SER F 74 -1.33 4.38 10.26
N SER F 75 -2.40 3.64 10.56
CA SER F 75 -3.75 3.76 9.96
C SER F 75 -4.35 5.14 10.29
N ALA F 76 -4.62 5.99 9.32
CA ALA F 76 -5.03 7.34 9.75
C ALA F 76 -6.53 7.52 9.87
N ASN F 77 -7.30 7.62 8.79
CA ASN F 77 -8.73 8.04 8.84
C ASN F 77 -9.79 6.92 8.76
N HIS F 78 -10.42 6.50 9.86
CA HIS F 78 -11.37 5.36 9.81
C HIS F 78 -12.73 5.75 10.41
N GLN F 79 -13.82 5.74 9.63
CA GLN F 79 -15.20 5.98 10.12
C GLN F 79 -15.90 4.61 10.17
N VAL F 80 -16.36 4.13 11.33
CA VAL F 80 -16.97 2.79 11.46
C VAL F 80 -18.50 2.85 11.36
N PHE F 81 -19.15 3.83 12.02
CA PHE F 81 -20.61 4.04 12.08
C PHE F 81 -20.90 5.52 11.81
N GLY F 82 -20.05 6.21 11.03
CA GLY F 82 -20.15 7.63 10.64
C GLY F 82 -21.51 8.02 10.09
N GLY F 83 -21.94 9.27 10.28
CA GLY F 83 -23.25 9.77 9.82
C GLY F 83 -24.33 9.63 10.87
N GLY F 84 -24.00 9.22 12.10
CA GLY F 84 -24.96 9.06 13.20
C GLY F 84 -25.45 7.64 13.29
N THR F 85 -26.17 7.21 14.34
CA THR F 85 -26.77 5.86 14.42
C THR F 85 -27.91 5.88 15.44
N LYS F 86 -29.07 5.34 15.14
CA LYS F 86 -30.12 5.15 16.17
C LYS F 86 -29.95 3.67 16.52
N LEU F 87 -29.26 3.34 17.62
CA LEU F 87 -28.96 1.93 17.95
C LEU F 87 -29.86 1.51 19.12
N THR F 88 -30.48 0.33 19.06
CA THR F 88 -31.47 -0.15 20.07
C THR F 88 -31.17 -1.62 20.39
N VAL F 89 -31.47 -2.08 21.60
CA VAL F 89 -31.30 -3.49 22.05
C VAL F 89 -32.48 -3.86 22.96
#